data_4EGL
#
_entry.id   4EGL
#
_cell.length_a   41.181
_cell.length_b   132.724
_cell.length_c   31.102
_cell.angle_alpha   90.00
_cell.angle_beta   90.00
_cell.angle_gamma   90.00
#
_symmetry.space_group_name_H-M   'P 21 21 2'
#
loop_
_entity.id
_entity.type
_entity.pdbx_description
1 polymer 'ELAV-like protein 1'
2 non-polymer 'SULFATE ION'
3 non-polymer GLYCEROL
#
_entity_poly.entity_id   1
_entity_poly.type   'polypeptide(L)'
_entity_poly.pdbx_seq_one_letter_code
;GRTNLIVNYLPQNMTQDELRSLFSSIGEVESAKLIRDKVAGHSLGYGFVNYVTAKDAERAINTLNGLRLQSKTIKVSYAR
PSSEVIKDANLYISGLPRTMTQKDVEDMFSRFGRIINSRVLVDQTTGLSRGVAFIRFDKRSEAEEAITSFNGHKPPGSSE
PITV(MLY)FAANLEHHHHHH
;
_entity_poly.pdbx_strand_id   A
#
loop_
_chem_comp.id
_chem_comp.type
_chem_comp.name
_chem_comp.formula
GOL non-polymer GLYCEROL 'C3 H8 O3'
SO4 non-polymer 'SULFATE ION' 'O4 S -2'
#
# COMPACT_ATOMS: atom_id res chain seq x y z
N GLY A 1 -2.23 -4.90 5.58
CA GLY A 1 -1.61 -5.48 4.36
C GLY A 1 -0.58 -4.54 3.75
N ARG A 2 0.55 -4.42 4.44
CA ARG A 2 1.56 -3.42 4.05
C ARG A 2 2.35 -3.85 2.80
N THR A 3 2.62 -2.89 1.91
CA THR A 3 3.50 -3.13 0.78
C THR A 3 4.84 -2.39 0.91
N ASN A 4 4.87 -1.34 1.72
CA ASN A 4 6.10 -0.58 1.94
C ASN A 4 7.00 -1.13 3.06
N LEU A 5 8.26 -1.41 2.71
CA LEU A 5 9.28 -1.93 3.63
C LEU A 5 10.45 -0.95 3.77
N ILE A 6 11.10 -0.94 4.92
CA ILE A 6 12.31 -0.13 5.07
C ILE A 6 13.57 -1.01 5.12
N VAL A 7 14.61 -0.57 4.42
CA VAL A 7 15.88 -1.26 4.48
C VAL A 7 17.01 -0.34 4.89
N ASN A 8 17.87 -0.83 5.77
CA ASN A 8 19.12 -0.16 6.08
C ASN A 8 20.20 -1.12 6.50
N TYR A 9 21.36 -0.55 6.79
CA TYR A 9 22.62 -1.28 6.84
C TYR A 9 23.02 -1.71 5.43
N LEU A 10 22.47 -1.06 4.42
CA LEU A 10 22.91 -1.28 3.03
C LEU A 10 24.34 -0.82 2.86
N PRO A 11 25.18 -1.66 2.19
CA PRO A 11 26.54 -1.31 1.80
C PRO A 11 26.62 0.06 1.12
N GLN A 12 27.70 0.80 1.45
CA GLN A 12 27.85 2.22 1.09
C GLN A 12 27.79 2.53 -0.42
N ASN A 13 28.22 1.60 -1.25
CA ASN A 13 28.27 1.85 -2.69
C ASN A 13 27.21 1.10 -3.53
N MET A 14 26.30 0.40 -2.84
CA MET A 14 25.15 -0.24 -3.48
C MET A 14 24.29 0.85 -4.09
N THR A 15 23.77 0.57 -5.26
CA THR A 15 23.06 1.59 -6.02
C THR A 15 21.56 1.31 -6.05
N GLN A 16 20.78 2.37 -6.27
CA GLN A 16 19.33 2.27 -6.37
C GLN A 16 18.97 1.11 -7.31
N ASP A 17 19.87 0.82 -8.24
CA ASP A 17 19.68 -0.29 -9.14
C ASP A 17 19.78 -1.64 -8.45
N GLU A 18 20.96 -1.93 -7.89
CA GLU A 18 21.21 -3.21 -7.22
C GLU A 18 20.19 -3.49 -6.12
N LEU A 19 19.74 -2.41 -5.47
CA LEU A 19 18.60 -2.44 -4.57
C LEU A 19 17.36 -3.03 -5.27
N ARG A 20 16.83 -2.29 -6.25
CA ARG A 20 15.65 -2.69 -7.02
C ARG A 20 15.76 -4.10 -7.57
N SER A 21 16.86 -4.37 -8.27
CA SER A 21 17.07 -5.66 -8.87
C SER A 21 16.99 -6.75 -7.82
N LEU A 22 17.64 -6.49 -6.68
CA LEU A 22 17.70 -7.45 -5.58
C LEU A 22 16.36 -7.64 -4.88
N PHE A 23 15.43 -6.73 -5.11
CA PHE A 23 14.14 -6.85 -4.47
C PHE A 23 13.08 -7.33 -5.44
N SER A 24 13.25 -6.99 -6.72
CA SER A 24 12.43 -7.50 -7.82
C SER A 24 12.52 -9.02 -7.88
N SER A 25 13.73 -9.53 -7.70
CA SER A 25 14.02 -10.96 -7.69
C SER A 25 13.12 -11.79 -6.75
N ILE A 26 12.43 -11.10 -5.85
CA ILE A 26 11.51 -11.72 -4.89
C ILE A 26 10.04 -11.54 -5.33
N GLY A 27 9.73 -10.36 -5.86
CA GLY A 27 8.38 -10.05 -6.37
C GLY A 27 8.37 -8.99 -7.47
N GLU A 28 7.27 -8.24 -7.57
CA GLU A 28 7.17 -7.19 -8.57
C GLU A 28 7.10 -5.83 -7.89
N VAL A 29 8.11 -4.99 -8.15
CA VAL A 29 8.29 -3.74 -7.43
C VAL A 29 7.65 -2.49 -8.09
N GLU A 30 6.77 -1.82 -7.34
CA GLU A 30 6.23 -0.51 -7.70
C GLU A 30 7.34 0.55 -7.82
N SER A 31 8.14 0.69 -6.77
CA SER A 31 9.23 1.65 -6.71
C SER A 31 10.18 1.30 -5.58
N ALA A 32 11.47 1.56 -5.82
CA ALA A 32 12.52 1.44 -4.80
C ALA A 32 13.36 2.70 -4.74
N LYS A 33 13.57 3.22 -3.53
CA LYS A 33 14.37 4.43 -3.31
C LYS A 33 15.57 4.19 -2.39
N LEU A 34 16.73 4.71 -2.80
CA LEU A 34 17.92 4.72 -1.94
C LEU A 34 18.19 6.15 -1.44
N ILE A 35 18.34 6.31 -0.13
CA ILE A 35 18.44 7.67 0.42
C ILE A 35 19.85 8.21 0.29
N ARG A 36 19.97 9.25 -0.52
CA ARG A 36 21.26 9.87 -0.84
C ARG A 36 21.32 11.29 -0.30
N ASP A 37 22.53 11.73 0.05
CA ASP A 37 22.76 13.12 0.33
C ASP A 37 22.53 13.84 -0.99
N LYS A 38 21.47 14.64 -1.06
CA LYS A 38 21.10 15.35 -2.28
C LYS A 38 22.29 16.07 -2.92
N VAL A 39 23.07 16.77 -2.09
CA VAL A 39 24.22 17.59 -2.53
C VAL A 39 25.51 16.79 -2.74
N ALA A 40 25.86 15.95 -1.76
CA ALA A 40 27.14 15.23 -1.81
C ALA A 40 27.06 13.91 -2.55
N GLY A 41 25.85 13.39 -2.72
CA GLY A 41 25.61 12.18 -3.55
C GLY A 41 25.67 10.81 -2.89
N HIS A 42 26.29 10.73 -1.70
CA HIS A 42 26.61 9.45 -1.10
C HIS A 42 25.41 8.76 -0.48
N SER A 43 25.45 7.43 -0.42
CA SER A 43 24.37 6.66 0.18
C SER A 43 24.33 6.87 1.69
N LEU A 44 23.15 7.21 2.19
CA LEU A 44 22.92 7.25 3.64
C LEU A 44 22.50 5.86 4.14
N GLY A 45 22.36 4.91 3.21
CA GLY A 45 22.15 3.52 3.55
C GLY A 45 20.75 3.23 4.06
N TYR A 46 19.78 4.00 3.58
CA TYR A 46 18.40 3.66 3.81
C TYR A 46 17.76 3.37 2.47
N GLY A 47 16.93 2.33 2.48
CA GLY A 47 16.19 1.91 1.31
C GLY A 47 14.70 1.77 1.56
N PHE A 48 13.91 2.29 0.62
CA PHE A 48 12.48 2.08 0.63
C PHE A 48 12.04 1.33 -0.62
N VAL A 49 11.50 0.13 -0.41
CA VAL A 49 11.12 -0.76 -1.48
C VAL A 49 9.61 -0.94 -1.40
N ASN A 50 8.91 -0.58 -2.47
CA ASN A 50 7.47 -0.70 -2.48
C ASN A 50 7.00 -1.72 -3.49
N TYR A 51 6.31 -2.73 -2.99
CA TYR A 51 5.84 -3.82 -3.83
C TYR A 51 4.46 -3.54 -4.34
N VAL A 52 4.08 -4.19 -5.44
CA VAL A 52 2.69 -4.19 -5.87
C VAL A 52 1.86 -5.07 -4.91
N THR A 53 2.33 -6.28 -4.65
CA THR A 53 1.61 -7.24 -3.79
C THR A 53 2.16 -7.25 -2.36
N ALA A 54 1.29 -7.42 -1.37
CA ALA A 54 1.72 -7.63 0.03
C ALA A 54 2.42 -8.96 0.12
N LYS A 55 1.87 -9.95 -0.58
CA LYS A 55 2.46 -11.27 -0.65
C LYS A 55 3.98 -11.19 -0.80
N ASP A 56 4.42 -10.49 -1.84
CA ASP A 56 5.83 -10.38 -2.17
C ASP A 56 6.58 -9.56 -1.13
N ALA A 57 5.89 -8.58 -0.53
CA ALA A 57 6.47 -7.80 0.55
C ALA A 57 6.80 -8.67 1.76
N GLU A 58 5.86 -9.54 2.13
CA GLU A 58 6.06 -10.52 3.18
C GLU A 58 7.11 -11.54 2.74
N ARG A 59 7.10 -11.85 1.45
CA ARG A 59 8.11 -12.72 0.88
C ARG A 59 9.50 -12.07 0.99
N ALA A 60 9.63 -10.80 0.61
CA ALA A 60 10.92 -10.11 0.65
C ALA A 60 11.54 -10.06 2.04
N ILE A 61 10.74 -9.74 3.06
CA ILE A 61 11.25 -9.68 4.43
C ILE A 61 11.87 -11.01 4.86
N ASN A 62 11.08 -12.08 4.74
CA ASN A 62 11.50 -13.43 5.09
C ASN A 62 12.83 -13.86 4.46
N THR A 63 12.99 -13.55 3.19
CA THR A 63 14.15 -14.01 2.42
C THR A 63 15.35 -13.06 2.49
N LEU A 64 15.09 -11.77 2.73
CA LEU A 64 16.11 -10.74 2.56
C LEU A 64 16.56 -10.05 3.86
N ASN A 65 15.67 -9.97 4.86
CA ASN A 65 16.10 -9.48 6.18
C ASN A 65 17.20 -10.37 6.72
N GLY A 66 18.34 -9.77 7.05
CA GLY A 66 19.46 -10.51 7.60
C GLY A 66 20.47 -10.98 6.56
N LEU A 67 20.20 -10.70 5.29
CA LEU A 67 21.09 -11.07 4.16
C LEU A 67 22.48 -10.52 4.39
N ARG A 68 23.51 -11.37 4.32
CA ARG A 68 24.85 -10.87 4.58
C ARG A 68 25.40 -10.24 3.30
N LEU A 69 25.83 -8.98 3.39
CA LEU A 69 26.46 -8.33 2.23
C LEU A 69 27.65 -7.50 2.66
N GLN A 70 28.84 -7.89 2.20
CA GLN A 70 30.06 -7.13 2.53
C GLN A 70 30.12 -6.87 4.04
N SER A 71 29.95 -7.95 4.81
CA SER A 71 29.79 -7.88 6.27
C SER A 71 28.63 -6.98 6.73
N LYS A 72 27.95 -6.35 5.78
CA LYS A 72 26.74 -5.59 6.10
C LYS A 72 25.53 -6.54 6.17
N THR A 73 25.06 -6.80 7.40
CA THR A 73 23.90 -7.64 7.63
C THR A 73 22.61 -6.80 7.58
N ILE A 74 22.05 -6.67 6.36
CA ILE A 74 20.98 -5.72 6.12
C ILE A 74 19.69 -6.17 6.76
N LYS A 75 18.86 -5.18 7.07
CA LYS A 75 17.65 -5.36 7.84
C LYS A 75 16.49 -4.97 6.98
N VAL A 76 15.61 -5.94 6.74
CA VAL A 76 14.39 -5.69 6.00
C VAL A 76 13.19 -5.83 6.96
N SER A 77 12.40 -4.77 7.04
CA SER A 77 11.21 -4.70 7.87
C SER A 77 10.17 -3.74 7.25
N TYR A 78 8.91 -3.87 7.66
CA TYR A 78 7.80 -3.06 7.13
C TYR A 78 7.97 -1.59 7.50
N ALA A 79 7.97 -0.72 6.49
CA ALA A 79 8.09 0.72 6.70
C ALA A 79 7.17 1.15 7.85
N ARG A 80 5.85 0.96 7.68
CA ARG A 80 4.92 1.21 8.79
C ARG A 80 4.77 -0.08 9.57
N PRO A 81 4.82 0.00 10.92
CA PRO A 81 4.71 -1.20 11.77
C PRO A 81 3.24 -1.54 12.07
N SER A 82 3.03 -2.56 12.90
CA SER A 82 1.67 -2.94 13.31
C SER A 82 1.10 -1.99 14.37
N SER A 83 1.91 -1.04 14.82
CA SER A 83 1.44 -0.04 15.78
C SER A 83 0.53 1.03 15.13
N GLU A 84 0.84 1.38 13.88
CA GLU A 84 0.19 2.50 13.20
C GLU A 84 -0.81 2.03 12.15
N VAL A 85 -0.37 1.13 11.27
CA VAL A 85 -1.25 0.59 10.22
C VAL A 85 -2.55 0.08 10.86
N ILE A 86 -2.42 -0.65 11.97
CA ILE A 86 -3.56 -1.24 12.69
C ILE A 86 -4.60 -0.23 13.20
N LYS A 87 -4.26 1.04 13.17
CA LYS A 87 -5.19 2.10 13.55
C LYS A 87 -5.63 2.95 12.35
N ASP A 88 -5.56 2.39 11.14
CA ASP A 88 -5.92 3.14 9.93
C ASP A 88 -7.44 3.21 9.79
N ALA A 89 -7.94 4.41 9.45
CA ALA A 89 -9.37 4.62 9.19
C ALA A 89 -9.70 4.05 7.83
N ASN A 90 -9.66 2.73 7.76
CA ASN A 90 -9.61 1.99 6.53
C ASN A 90 -10.83 1.08 6.46
N LEU A 91 -11.60 1.21 5.38
CA LEU A 91 -12.83 0.41 5.22
C LEU A 91 -13.02 -0.26 3.83
N TYR A 92 -13.65 -1.43 3.84
CA TYR A 92 -13.97 -2.20 2.64
C TYR A 92 -15.37 -1.86 2.14
N ILE A 93 -15.50 -1.64 0.85
CA ILE A 93 -16.77 -1.31 0.24
C ILE A 93 -17.01 -2.26 -0.89
N SER A 94 -18.12 -2.99 -0.85
CA SER A 94 -18.55 -3.77 -1.99
C SER A 94 -19.84 -3.17 -2.52
N GLY A 95 -20.31 -3.64 -3.66
CA GLY A 95 -21.61 -3.22 -4.15
C GLY A 95 -21.56 -2.00 -5.04
N LEU A 96 -20.39 -1.36 -5.13
CA LEU A 96 -20.18 -0.19 -5.98
C LEU A 96 -20.46 -0.49 -7.46
N PRO A 97 -20.85 0.54 -8.24
CA PRO A 97 -21.06 0.32 -9.68
C PRO A 97 -19.75 0.10 -10.41
N ARG A 98 -19.82 -0.65 -11.49
CA ARG A 98 -18.64 -0.99 -12.31
C ARG A 98 -18.05 0.20 -13.09
N THR A 99 -18.87 1.23 -13.30
CA THR A 99 -18.48 2.43 -14.03
C THR A 99 -17.58 3.39 -13.24
N MET A 100 -17.78 3.42 -11.92
CA MET A 100 -16.94 4.24 -11.04
C MET A 100 -15.48 3.84 -11.12
N THR A 101 -14.62 4.81 -10.87
CA THR A 101 -13.18 4.68 -11.01
C THR A 101 -12.56 5.32 -9.77
N GLN A 102 -11.33 4.89 -9.41
CA GLN A 102 -10.68 5.37 -8.18
C GLN A 102 -11.06 6.80 -7.79
N LYS A 103 -10.92 7.74 -8.72
CA LYS A 103 -11.30 9.13 -8.48
C LYS A 103 -12.79 9.27 -8.20
N ASP A 104 -13.62 8.62 -9.04
CA ASP A 104 -15.07 8.65 -8.86
C ASP A 104 -15.42 8.25 -7.44
N VAL A 105 -14.94 7.06 -7.07
CA VAL A 105 -15.19 6.48 -5.76
C VAL A 105 -14.64 7.37 -4.66
N GLU A 106 -13.49 7.99 -4.94
CA GLU A 106 -12.86 8.90 -3.99
C GLU A 106 -13.80 10.08 -3.70
N ASP A 107 -14.22 10.79 -4.75
CA ASP A 107 -15.04 12.00 -4.64
C ASP A 107 -16.40 11.77 -3.96
N MET A 108 -17.04 10.65 -4.31
CA MET A 108 -18.31 10.23 -3.69
C MET A 108 -18.19 10.00 -2.17
N PHE A 109 -16.98 9.74 -1.69
CA PHE A 109 -16.76 9.56 -0.27
C PHE A 109 -16.10 10.77 0.37
N SER A 110 -15.64 11.70 -0.46
CA SER A 110 -15.02 12.94 0.02
C SER A 110 -15.71 13.45 1.28
N ARG A 111 -17.04 13.35 1.24
CA ARG A 111 -17.94 14.15 2.05
C ARG A 111 -17.87 13.85 3.54
N PHE A 112 -16.93 12.99 3.92
CA PHE A 112 -16.92 12.42 5.26
C PHE A 112 -15.65 12.77 6.04
N GLY A 113 -14.55 12.93 5.31
CA GLY A 113 -13.26 13.33 5.87
C GLY A 113 -12.14 13.24 4.85
N ARG A 114 -10.90 13.43 5.31
CA ARG A 114 -9.76 13.41 4.40
C ARG A 114 -9.38 11.99 3.97
N ILE A 115 -9.54 11.73 2.68
CA ILE A 115 -9.22 10.43 2.11
C ILE A 115 -7.70 10.28 1.92
N ILE A 116 -7.07 9.50 2.78
CA ILE A 116 -5.61 9.30 2.70
C ILE A 116 -5.21 8.57 1.42
N ASN A 117 -5.75 7.36 1.24
CA ASN A 117 -5.57 6.59 0.00
C ASN A 117 -6.80 5.74 -0.34
N SER A 118 -6.75 5.11 -1.51
CA SER A 118 -7.86 4.32 -2.03
C SER A 118 -7.35 3.39 -3.13
N ARG A 119 -7.83 2.15 -3.12
CA ARG A 119 -7.60 1.21 -4.22
C ARG A 119 -8.91 0.61 -4.69
N VAL A 120 -9.11 0.56 -6.00
CA VAL A 120 -10.28 -0.11 -6.53
C VAL A 120 -9.86 -1.41 -7.19
N LEU A 121 -10.57 -2.49 -6.86
CA LEU A 121 -10.24 -3.83 -7.34
C LEU A 121 -10.85 -4.13 -8.68
N VAL A 122 -10.08 -4.84 -9.50
CA VAL A 122 -10.50 -5.27 -10.84
C VAL A 122 -10.63 -6.79 -10.88
N ASP A 123 -11.30 -7.30 -11.90
CA ASP A 123 -11.44 -8.74 -12.06
C ASP A 123 -10.16 -9.39 -12.58
N GLN A 124 -9.99 -10.67 -12.24
CA GLN A 124 -8.82 -11.47 -12.63
C GLN A 124 -8.81 -11.80 -14.14
N THR A 125 -9.89 -12.42 -14.61
CA THR A 125 -10.05 -12.77 -16.02
C THR A 125 -10.55 -11.55 -16.78
N THR A 126 -11.80 -11.16 -16.51
CA THR A 126 -12.47 -10.00 -17.11
C THR A 126 -11.64 -8.70 -17.12
N GLY A 127 -10.97 -8.39 -16.00
CA GLY A 127 -10.03 -7.28 -15.93
C GLY A 127 -10.61 -5.90 -15.61
N LEU A 128 -11.88 -5.70 -15.92
CA LEU A 128 -12.56 -4.41 -15.70
C LEU A 128 -13.03 -4.34 -14.23
N SER A 129 -13.46 -3.15 -13.79
CA SER A 129 -13.81 -2.91 -12.39
C SER A 129 -14.78 -3.95 -11.80
N ARG A 130 -14.65 -4.19 -10.50
CA ARG A 130 -15.32 -5.30 -9.83
C ARG A 130 -16.54 -4.84 -9.01
N GLY A 131 -16.43 -3.64 -8.42
CA GLY A 131 -17.46 -3.12 -7.51
C GLY A 131 -17.04 -3.15 -6.04
N VAL A 132 -15.95 -3.86 -5.76
CA VAL A 132 -15.33 -3.84 -4.46
C VAL A 132 -14.20 -2.80 -4.51
N ALA A 133 -14.00 -2.07 -3.41
CA ALA A 133 -12.92 -1.09 -3.32
C ALA A 133 -12.53 -0.93 -1.89
N PHE A 134 -11.33 -0.42 -1.67
CA PHE A 134 -10.88 -0.07 -0.34
C PHE A 134 -10.61 1.43 -0.25
N ILE A 135 -10.85 1.99 0.93
CA ILE A 135 -10.69 3.43 1.17
C ILE A 135 -10.11 3.68 2.56
N ARG A 136 -9.13 4.58 2.65
CA ARG A 136 -8.52 4.98 3.93
C ARG A 136 -8.91 6.40 4.27
N PHE A 137 -9.31 6.63 5.53
CA PHE A 137 -9.65 7.98 5.97
C PHE A 137 -8.60 8.59 6.90
N ASP A 138 -8.65 9.92 7.05
CA ASP A 138 -7.69 10.65 7.88
C ASP A 138 -7.75 10.07 9.29
N LYS A 139 -8.93 10.08 9.88
CA LYS A 139 -9.14 9.53 11.21
C LYS A 139 -10.43 8.74 11.22
N ARG A 140 -10.57 7.88 12.24
CA ARG A 140 -11.67 6.94 12.35
C ARG A 140 -13.04 7.59 12.16
N SER A 141 -13.27 8.71 12.86
CA SER A 141 -14.59 9.38 12.88
C SER A 141 -15.21 9.60 11.50
N GLU A 142 -14.36 9.82 10.50
CA GLU A 142 -14.79 10.04 9.12
C GLU A 142 -15.29 8.75 8.48
N ALA A 143 -14.66 7.63 8.83
CA ALA A 143 -15.06 6.33 8.31
C ALA A 143 -16.40 5.87 8.89
N GLU A 144 -16.55 5.97 10.22
CA GLU A 144 -17.81 5.65 10.89
C GLU A 144 -18.99 6.22 10.13
N GLU A 145 -18.84 7.49 9.75
CA GLU A 145 -19.83 8.26 9.02
C GLU A 145 -20.24 7.61 7.70
N ALA A 146 -19.26 7.14 6.94
CA ALA A 146 -19.49 6.42 5.70
C ALA A 146 -20.32 5.18 6.00
N ILE A 147 -19.88 4.44 7.00
CA ILE A 147 -20.54 3.23 7.45
C ILE A 147 -21.99 3.52 7.73
N THR A 148 -22.26 4.55 8.55
CA THR A 148 -23.63 4.97 8.87
C THR A 148 -24.34 5.55 7.63
N SER A 149 -23.60 6.21 6.75
CA SER A 149 -24.22 6.95 5.64
C SER A 149 -24.46 6.11 4.41
N PHE A 150 -23.59 5.12 4.18
CA PHE A 150 -23.64 4.34 2.95
C PHE A 150 -23.92 2.84 3.08
N ASN A 151 -23.79 2.27 4.28
CA ASN A 151 -24.04 0.84 4.46
C ASN A 151 -25.50 0.51 4.14
N GLY A 152 -25.74 0.14 2.88
CA GLY A 152 -27.10 -0.01 2.33
C GLY A 152 -27.35 1.15 1.38
N HIS A 153 -27.69 0.85 0.13
CA HIS A 153 -27.96 1.90 -0.84
C HIS A 153 -28.59 1.45 -2.17
N LYS A 154 -28.78 2.39 -3.09
CA LYS A 154 -29.51 2.17 -4.33
C LYS A 154 -28.68 2.61 -5.54
N GLY A 157 -30.27 3.20 -10.97
CA GLY A 157 -31.06 2.07 -10.51
C GLY A 157 -30.25 0.79 -10.54
N SER A 158 -29.82 0.34 -9.37
CA SER A 158 -28.96 -0.85 -9.25
C SER A 158 -29.71 -2.05 -8.67
N SER A 159 -29.08 -3.21 -8.76
CA SER A 159 -29.65 -4.46 -8.31
C SER A 159 -29.40 -4.74 -6.83
N GLU A 160 -28.17 -4.49 -6.37
CA GLU A 160 -27.76 -4.82 -5.00
C GLU A 160 -27.47 -3.58 -4.15
N PRO A 161 -27.57 -3.70 -2.80
CA PRO A 161 -27.20 -2.57 -1.93
C PRO A 161 -25.68 -2.51 -1.68
N ILE A 162 -25.14 -1.30 -1.54
CA ILE A 162 -23.72 -1.13 -1.31
C ILE A 162 -23.38 -1.40 0.16
N THR A 163 -22.31 -2.14 0.38
CA THR A 163 -21.86 -2.45 1.73
C THR A 163 -20.70 -1.53 2.08
N VAL A 164 -20.80 -0.85 3.21
CA VAL A 164 -19.63 -0.18 3.77
C VAL A 164 -19.40 -0.68 5.17
N MLY A 165 -18.17 -1.09 5.44
CA MLY A 165 -17.74 -1.50 6.78
CB MLY A 165 -18.33 -2.86 7.19
CG MLY A 165 -18.26 -3.90 6.06
CD MLY A 165 -17.73 -5.21 6.62
CE MLY A 165 -18.89 -6.18 6.89
NZ MLY A 165 -18.38 -7.35 7.60
CH1 MLY A 165 -17.15 -7.31 8.40
CH2 MLY A 165 -19.13 -8.61 7.52
C MLY A 165 -16.24 -1.51 6.86
O MLY A 165 -15.56 -1.52 5.82
N PHE A 166 -15.72 -1.49 8.09
CA PHE A 166 -14.28 -1.49 8.33
C PHE A 166 -13.68 -2.79 7.87
N ALA A 167 -12.42 -2.73 7.44
CA ALA A 167 -11.76 -3.91 6.89
C ALA A 167 -11.32 -4.91 7.98
S SO4 B . 2.23 0.35 3.93
O1 SO4 B . 2.12 1.65 3.29
O2 SO4 B . 0.97 0.07 4.60
O3 SO4 B . 2.50 -0.64 2.90
O4 SO4 B . 3.31 0.31 4.93
C1 GOL C . 5.19 -17.32 -8.14
O1 GOL C . 4.21 -16.52 -8.75
C2 GOL C . 4.54 -18.21 -7.07
O2 GOL C . 5.52 -19.04 -6.48
C3 GOL C . 3.81 -17.39 -6.00
O3 GOL C . 4.71 -16.68 -5.18
C1 GOL D . 10.49 2.82 -10.84
O1 GOL D . 9.58 3.86 -10.54
C2 GOL D . 11.74 2.95 -9.96
O2 GOL D . 11.36 3.07 -8.61
C3 GOL D . 12.63 1.71 -10.11
C1 GOL E . 6.41 -4.75 12.47
C2 GOL E . 5.74 -5.33 13.71
O2 GOL E . 4.59 -6.04 13.33
C3 GOL E . 5.37 -4.22 14.68
#